data_2IH5
#
_entry.id   2IH5
#
_cell.length_a   59.890
_cell.length_b   69.630
_cell.length_c   114.370
_cell.angle_alpha   90.00
_cell.angle_beta   90.00
_cell.angle_gamma   90.00
#
_symmetry.space_group_name_H-M   'P 21 21 21'
#
loop_
_entity.id
_entity.type
_entity.pdbx_description
1 polymer "5'-D(*GP*TP*TP*CP*GP*AP*TP*GP*TP*C)-3'"
2 polymer "5'-D(*GP*AP*CP*AP*(3DR)P*CP*GP*(6MA)P*AP*C)-3'"
3 polymer 'Modification methylase TaqI'
4 non-polymer "5'-DEOXY-5'-[2-(AMINO)ETHYLTHIO]ADENOSINE"
5 non-polymer GLYCEROL
6 water water
#
loop_
_entity_poly.entity_id
_entity_poly.type
_entity_poly.pdbx_seq_one_letter_code
_entity_poly.pdbx_strand_id
1 'polydeoxyribonucleotide' (DG)(DT)(DT)(DC)(DG)(DA)(DT)(DG)(DT)(DC) B
2 'polydeoxyribonucleotide' (DG)(DA)(DC)(DA)(3DR)(DC)(DG)(6MA)(DA)(DC) C
3 'polypeptide(L)'
;MGLPPLLSLPSNSAPRSLGRVETPPEVVDFMVSLAEAPRGGRVLEPACAHGPFLRAFREAHGTAYRFVGVEIDPKALDLP
PWAEGILADFLLWEPGEAFDLILGNPPYGIVGEASKYPIHVFKAVKDLYKKAFSTWKGKYNLYGAFLEKAVRLLKPGGVL
VFVVPATWLVLEDFALLREFLAREGKTSVYYLGEVFPQKKVSAVVIRFQKSGKGLSLWDTQESESGFTPILWAEYPHWEG
EIIRFETEETRKLEISGMPLGDLFHIRFAARSPEFKKHPAVRKEPGPGLVPVLTGRNLKPGWVDYEKNHSGLWMPKERAK
ELRDFYATPHLVVAHTKGTRVVAAWDERAYPWREEFHLLPKEGVRLDPSSLVQWLNSEAMQKHVRTLYRDFVPHLTLRML
ERLPVRREYGFHTSPESARNF
;
A
#
# COMPACT_ATOMS: atom_id res chain seq x y z
N VAL C 21 -12.23 12.59 -10.49
CA VAL C 21 -11.60 12.82 -9.14
C VAL C 21 -10.96 14.22 -9.05
N GLU C 22 -11.43 15.00 -8.07
CA GLU C 22 -10.96 16.36 -7.84
C GLU C 22 -10.22 16.34 -6.50
N THR C 23 -9.12 17.08 -6.39
CA THR C 23 -8.39 17.13 -5.13
C THR C 23 -9.05 18.16 -4.23
N PRO C 24 -9.43 17.76 -3.00
CA PRO C 24 -10.11 18.74 -2.15
C PRO C 24 -9.24 20.00 -1.92
N PRO C 25 -9.86 21.18 -1.86
CA PRO C 25 -9.12 22.44 -1.64
C PRO C 25 -8.12 22.41 -0.46
N GLU C 26 -8.52 21.84 0.68
CA GLU C 26 -7.64 21.78 1.85
C GLU C 26 -6.35 21.02 1.55
N VAL C 27 -6.48 19.96 0.73
CA VAL C 27 -5.33 19.13 0.34
C VAL C 27 -4.42 19.94 -0.59
N VAL C 28 -5.00 20.56 -1.63
CA VAL C 28 -4.24 21.43 -2.52
C VAL C 28 -3.48 22.52 -1.70
N ASP C 29 -4.19 23.24 -0.83
CA ASP C 29 -3.58 24.34 -0.06
C ASP C 29 -2.43 23.84 0.84
N PHE C 30 -2.63 22.70 1.49
CA PHE C 30 -1.59 22.09 2.30
C PHE C 30 -0.33 21.75 1.44
N MET C 31 -0.55 21.12 0.31
CA MET C 31 0.54 20.73 -0.58
C MET C 31 1.33 21.94 -1.11
N VAL C 32 0.61 22.98 -1.50
CA VAL C 32 1.22 24.23 -1.96
C VAL C 32 2.05 24.88 -0.84
N SER C 33 1.62 24.71 0.42
CA SER C 33 2.34 25.27 1.57
C SER C 33 3.68 24.57 1.78
N LEU C 34 3.82 23.34 1.25
CA LEU C 34 5.04 22.56 1.34
C LEU C 34 5.94 22.76 0.12
N ALA C 35 5.39 23.43 -0.90
CA ALA C 35 6.04 23.52 -2.20
C ALA C 35 7.00 24.71 -2.23
N GLU C 36 8.04 24.57 -3.04
CA GLU C 36 9.10 25.57 -3.06
C GLU C 36 9.69 25.58 -4.46
N ALA C 37 9.99 26.77 -5.00
CA ALA C 37 10.79 26.85 -6.23
C ALA C 37 11.49 28.20 -6.31
N PRO C 38 12.69 28.26 -6.94
CA PRO C 38 13.32 29.57 -7.14
C PRO C 38 12.57 30.41 -8.17
N ARG C 39 12.59 31.75 -8.02
CA ARG C 39 11.96 32.59 -9.03
C ARG C 39 12.55 32.30 -10.40
N GLY C 40 11.67 32.24 -11.39
CA GLY C 40 12.07 31.82 -12.74
C GLY C 40 12.17 30.31 -12.86
N GLY C 41 11.87 29.60 -11.77
CA GLY C 41 11.98 28.14 -11.74
C GLY C 41 10.93 27.47 -12.57
N ARG C 42 11.18 26.21 -12.93
CA ARG C 42 10.24 25.43 -13.75
C ARG C 42 9.35 24.59 -12.83
N VAL C 43 8.06 24.83 -12.94
CA VAL C 43 7.04 24.20 -12.08
C VAL C 43 6.15 23.32 -12.96
N LEU C 44 6.00 22.04 -12.59
CA LEU C 44 5.29 21.05 -13.41
C LEU C 44 4.12 20.43 -12.62
N GLU C 45 2.94 20.37 -13.26
CA GLU C 45 1.85 19.52 -12.79
C GLU C 45 1.61 18.36 -13.76
N PRO C 46 1.96 17.12 -13.33
CA PRO C 46 1.66 15.93 -14.15
C PRO C 46 0.18 15.57 -14.04
N ALA C 47 -0.37 14.99 -15.09
CA ALA C 47 -1.79 14.60 -15.12
C ALA C 47 -2.71 15.76 -14.74
N CYS C 48 -2.51 16.92 -15.38
CA CYS C 48 -2.99 18.17 -14.81
C CYS C 48 -4.46 18.49 -15.04
N ALA C 49 -5.03 17.98 -16.14
CA ALA C 49 -6.37 18.40 -16.58
C ALA C 49 -6.40 19.93 -16.68
N HIS C 50 -7.16 20.59 -15.80
CA HIS C 50 -7.24 22.07 -15.80
C HIS C 50 -6.14 22.78 -14.99
N GLY C 51 -5.24 22.01 -14.37
CA GLY C 51 -4.09 22.58 -13.67
C GLY C 51 -4.43 23.27 -12.36
N PRO C 52 -5.19 22.59 -11.47
CA PRO C 52 -5.53 23.18 -10.16
C PRO C 52 -4.28 23.48 -9.30
N PHE C 53 -3.25 22.65 -9.38
CA PHE C 53 -2.04 22.87 -8.60
C PHE C 53 -1.18 24.02 -9.16
N LEU C 54 -1.10 24.11 -10.48
CA LEU C 54 -0.41 25.24 -11.13
C LEU C 54 -1.09 26.55 -10.70
N ARG C 55 -2.41 26.55 -10.75
CA ARG C 55 -3.24 27.72 -10.41
C ARG C 55 -3.06 28.15 -8.97
N ALA C 56 -3.12 27.18 -8.06
CA ALA C 56 -2.93 27.44 -6.64
C ALA C 56 -1.50 27.91 -6.31
N PHE C 57 -0.51 27.29 -6.95
CA PHE C 57 0.86 27.72 -6.71
C PHE C 57 1.07 29.17 -7.16
N ARG C 58 0.61 29.47 -8.36
CA ARG C 58 0.67 30.84 -8.89
C ARG C 58 -0.06 31.85 -8.00
N GLU C 59 -1.24 31.50 -7.52
CA GLU C 59 -2.02 32.38 -6.64
C GLU C 59 -1.24 32.65 -5.34
N ALA C 60 -0.57 31.62 -4.82
CA ALA C 60 0.15 31.74 -3.57
C ALA C 60 1.49 32.45 -3.73
N HIS C 61 2.16 32.23 -4.86
CA HIS C 61 3.52 32.74 -5.03
C HIS C 61 3.75 33.69 -6.18
N GLY C 62 2.69 33.98 -6.93
CA GLY C 62 2.84 34.92 -8.03
C GLY C 62 3.35 34.30 -9.32
N THR C 63 3.73 35.17 -10.23
CA THR C 63 3.79 34.84 -11.64
C THR C 63 5.19 34.51 -12.16
N ALA C 64 6.22 34.78 -11.35
CA ALA C 64 7.59 34.63 -11.83
C ALA C 64 8.14 33.21 -11.79
N TYR C 65 7.46 32.32 -12.50
CA TYR C 65 7.87 30.93 -12.69
C TYR C 65 7.48 30.53 -14.10
N ARG C 66 8.05 29.41 -14.55
CA ARG C 66 7.66 28.82 -15.83
C ARG C 66 6.81 27.60 -15.50
N PHE C 67 5.54 27.66 -15.87
CA PHE C 67 4.51 26.66 -15.50
C PHE C 67 4.24 25.71 -16.66
N VAL C 68 4.23 24.41 -16.36
CA VAL C 68 4.03 23.37 -17.36
C VAL C 68 3.02 22.36 -16.81
N GLY C 69 2.12 21.86 -17.65
CA GLY C 69 1.14 20.84 -17.24
C GLY C 69 1.06 19.79 -18.31
N VAL C 70 1.10 18.52 -17.93
CA VAL C 70 1.13 17.42 -18.90
C VAL C 70 -0.14 16.59 -18.71
N GLU C 71 -0.85 16.36 -19.82
CA GLU C 71 -2.18 15.75 -19.78
C GLU C 71 -2.30 14.78 -20.97
N ILE C 72 -2.80 13.59 -20.75
CA ILE C 72 -2.85 12.60 -21.81
C ILE C 72 -4.13 12.77 -22.66
N ASP C 73 -5.17 13.36 -22.04
CA ASP C 73 -6.50 13.46 -22.66
C ASP C 73 -6.68 14.87 -23.15
N PRO C 74 -6.62 15.08 -24.49
CA PRO C 74 -6.76 16.43 -25.04
C PRO C 74 -8.04 17.13 -24.64
N LYS C 75 -9.11 16.36 -24.42
CA LYS C 75 -10.37 16.93 -23.92
C LYS C 75 -10.27 17.47 -22.48
N ALA C 76 -9.30 16.99 -21.72
CA ALA C 76 -9.16 17.41 -20.32
C ALA C 76 -8.18 18.55 -20.12
N LEU C 77 -7.22 18.72 -21.03
CA LEU C 77 -6.22 19.76 -20.89
C LEU C 77 -6.92 21.12 -21.02
N ASP C 78 -6.82 21.93 -19.97
CA ASP C 78 -7.53 23.22 -19.92
C ASP C 78 -6.75 24.19 -19.04
N LEU C 79 -5.63 24.67 -19.57
CA LEU C 79 -4.71 25.54 -18.80
C LEU C 79 -4.85 26.96 -19.31
N PRO C 80 -4.64 27.94 -18.42
CA PRO C 80 -4.58 29.35 -18.83
C PRO C 80 -3.35 29.61 -19.71
N PRO C 81 -3.31 30.77 -20.41
CA PRO C 81 -2.21 31.15 -21.32
C PRO C 81 -0.82 31.21 -20.69
N TRP C 82 -0.76 31.49 -19.39
CA TRP C 82 0.50 31.58 -18.68
C TRP C 82 1.19 30.23 -18.44
N ALA C 83 0.51 29.12 -18.78
CA ALA C 83 1.09 27.77 -18.61
C ALA C 83 1.34 27.11 -19.96
N GLU C 84 2.40 26.32 -20.05
CA GLU C 84 2.58 25.50 -21.23
C GLU C 84 1.86 24.17 -21.00
N GLY C 85 0.98 23.79 -21.92
CA GLY C 85 0.32 22.49 -21.90
C GLY C 85 1.00 21.54 -22.85
N ILE C 86 1.14 20.29 -22.42
CA ILE C 86 1.78 19.23 -23.20
C ILE C 86 0.80 18.05 -23.22
N LEU C 87 0.45 17.63 -24.44
CA LEU C 87 -0.46 16.51 -24.65
C LEU C 87 0.35 15.25 -24.83
N ALA C 88 0.50 14.50 -23.75
CA ALA C 88 1.37 13.33 -23.76
C ALA C 88 1.06 12.41 -22.59
N ASP C 89 1.50 11.16 -22.72
CA ASP C 89 1.58 10.25 -21.60
C ASP C 89 2.80 10.70 -20.78
N PHE C 90 2.54 11.27 -19.60
CA PHE C 90 3.60 11.72 -18.68
C PHE C 90 4.70 10.66 -18.47
N LEU C 91 4.29 9.40 -18.35
CA LEU C 91 5.24 8.33 -18.08
C LEU C 91 6.24 8.07 -19.22
N LEU C 92 5.86 8.47 -20.43
CA LEU C 92 6.73 8.26 -21.59
C LEU C 92 7.34 9.57 -22.14
N TRP C 93 6.97 10.67 -21.51
CA TRP C 93 7.36 12.02 -21.94
C TRP C 93 8.80 12.34 -21.57
N GLU C 94 9.56 12.84 -22.55
CA GLU C 94 10.96 13.21 -22.32
C GLU C 94 11.20 14.69 -22.59
N PRO C 95 11.07 15.53 -21.54
CA PRO C 95 11.29 16.96 -21.76
C PRO C 95 12.77 17.27 -22.02
N GLY C 96 13.02 18.44 -22.63
CA GLY C 96 14.40 18.91 -22.84
C GLY C 96 15.13 19.28 -21.56
N GLU C 97 14.39 19.72 -20.54
CA GLU C 97 15.01 20.24 -19.33
C GLU C 97 14.31 19.71 -18.06
N ALA C 98 15.08 19.56 -16.98
CA ALA C 98 14.53 19.12 -15.69
C ALA C 98 13.72 20.20 -14.98
N PHE C 99 13.10 19.85 -13.85
CA PHE C 99 12.21 20.78 -13.15
C PHE C 99 12.65 21.08 -11.73
N ASP C 100 12.30 22.28 -11.27
CA ASP C 100 12.59 22.70 -9.91
C ASP C 100 11.52 22.19 -8.96
N LEU C 101 10.30 22.14 -9.46
CA LEU C 101 9.18 21.75 -8.62
C LEU C 101 8.19 20.94 -9.43
N ILE C 102 7.74 19.83 -8.85
CA ILE C 102 6.71 19.01 -9.47
C ILE C 102 5.64 18.79 -8.41
N LEU C 103 4.40 19.10 -8.73
CA LEU C 103 3.36 18.92 -7.73
C LEU C 103 2.07 18.45 -8.36
N GLY C 104 1.29 17.70 -7.60
CA GLY C 104 0.03 17.25 -8.14
C GLY C 104 -0.48 15.95 -7.53
N ASN C 105 -1.51 15.43 -8.17
CA ASN C 105 -2.24 14.25 -7.71
C ASN C 105 -2.26 13.30 -8.90
N PRO C 106 -1.35 12.32 -8.92
CA PRO C 106 -1.27 11.44 -10.09
C PRO C 106 -2.44 10.43 -10.10
N PRO C 107 -2.75 9.85 -11.28
CA PRO C 107 -3.81 8.80 -11.28
C PRO C 107 -3.33 7.60 -10.47
N TYR C 108 -4.28 6.93 -9.82
CA TYR C 108 -3.98 5.75 -9.01
C TYR C 108 -4.62 4.58 -9.70
N GLY C 109 -3.93 3.46 -9.76
CA GLY C 109 -4.60 2.26 -10.22
C GLY C 109 -3.63 1.26 -10.78
N ILE C 110 -4.05 0.00 -10.74
CA ILE C 110 -3.28 -1.10 -11.33
C ILE C 110 -3.59 -1.23 -12.83
N VAL C 111 -2.53 -1.32 -13.65
CA VAL C 111 -2.61 -1.64 -15.08
C VAL C 111 -2.91 -3.13 -15.29
N GLY C 112 -4.04 -3.44 -15.92
CA GLY C 112 -4.37 -4.82 -16.23
C GLY C 112 -5.73 -4.99 -16.85
N GLU C 113 -6.11 -6.24 -17.06
CA GLU C 113 -7.31 -6.62 -17.79
C GLU C 113 -8.53 -5.99 -17.12
N ALA C 114 -9.41 -5.45 -17.95
CA ALA C 114 -10.55 -4.68 -17.49
C ALA C 114 -11.54 -5.43 -16.60
N SER C 115 -11.65 -6.75 -16.73
CA SER C 115 -12.53 -7.52 -15.85
C SER C 115 -12.11 -7.42 -14.38
N LYS C 116 -10.85 -7.02 -14.13
CA LYS C 116 -10.29 -7.10 -12.77
C LYS C 116 -9.55 -5.82 -12.33
N TYR C 117 -8.94 -5.13 -13.29
CA TYR C 117 -8.13 -3.93 -13.00
C TYR C 117 -8.65 -2.68 -13.73
N PRO C 118 -8.44 -1.49 -13.15
CA PRO C 118 -9.03 -0.27 -13.73
C PRO C 118 -8.22 0.43 -14.82
N ILE C 119 -6.91 0.21 -14.91
CA ILE C 119 -6.13 0.94 -15.90
C ILE C 119 -5.88 0.07 -17.12
N HIS C 120 -6.36 0.54 -18.27
CA HIS C 120 -6.34 -0.25 -19.49
C HIS C 120 -5.39 0.36 -20.54
N VAL C 121 -4.28 -0.32 -20.79
CA VAL C 121 -3.32 0.14 -21.81
C VAL C 121 -2.90 -1.02 -22.68
N PHE C 122 -2.48 -0.69 -23.90
CA PHE C 122 -2.01 -1.68 -24.85
C PHE C 122 -0.78 -2.35 -24.26
N LYS C 123 -0.62 -3.63 -24.54
CA LYS C 123 0.49 -4.39 -23.99
C LYS C 123 1.83 -3.73 -24.26
N ALA C 124 1.99 -3.16 -25.46
CA ALA C 124 3.21 -2.48 -25.83
C ALA C 124 3.54 -1.34 -24.87
N VAL C 125 2.50 -0.61 -24.45
CA VAL C 125 2.64 0.51 -23.51
C VAL C 125 3.09 0.00 -22.10
N LYS C 126 2.50 -1.10 -21.62
CA LYS C 126 2.94 -1.66 -20.34
C LYS C 126 4.39 -2.09 -20.39
N ASP C 127 4.81 -2.71 -21.50
CA ASP C 127 6.21 -3.11 -21.66
C ASP C 127 7.12 -1.90 -21.61
N LEU C 128 6.70 -0.82 -22.25
CA LEU C 128 7.44 0.42 -22.23
C LEU C 128 7.58 0.97 -20.79
N TYR C 129 6.48 0.93 -20.03
CA TYR C 129 6.55 1.31 -18.59
C TYR C 129 7.57 0.50 -17.80
N LYS C 130 7.53 -0.82 -17.95
CA LYS C 130 8.49 -1.70 -17.26
C LYS C 130 9.94 -1.41 -17.64
N LYS C 131 10.19 -1.20 -18.92
CA LYS C 131 11.51 -0.74 -19.39
C LYS C 131 11.96 0.58 -18.74
N ALA C 132 11.05 1.55 -18.67
CA ALA C 132 11.34 2.85 -18.11
C ALA C 132 11.56 2.90 -16.58
N PHE C 133 10.86 2.05 -15.85
CA PHE C 133 10.78 2.25 -14.40
C PHE C 133 11.46 1.12 -13.64
N SER C 134 12.60 1.48 -13.06
CA SER C 134 13.39 0.56 -12.24
C SER C 134 12.63 0.14 -10.96
N THR C 135 11.64 0.93 -10.54
CA THR C 135 10.90 0.59 -9.32
C THR C 135 9.70 -0.30 -9.61
N TRP C 136 9.41 -0.56 -10.90
CA TRP C 136 8.22 -1.33 -11.26
C TRP C 136 8.36 -2.78 -10.72
N LYS C 137 7.42 -3.20 -9.88
CA LYS C 137 7.49 -4.51 -9.24
C LYS C 137 6.09 -5.08 -9.06
N GLY C 138 5.94 -6.40 -9.26
CA GLY C 138 4.65 -7.05 -9.14
C GLY C 138 3.67 -6.43 -10.12
N LYS C 139 2.42 -6.29 -9.70
CA LYS C 139 1.41 -5.63 -10.54
C LYS C 139 1.67 -4.12 -10.62
N TYR C 140 2.26 -3.62 -9.52
CA TYR C 140 2.62 -2.21 -9.37
C TYR C 140 1.40 -1.30 -9.53
N ASN C 141 1.63 -0.02 -9.86
CA ASN C 141 0.54 0.95 -9.84
C ASN C 141 0.99 2.19 -10.58
N LEU C 142 0.06 2.83 -11.30
CA LEU C 142 0.37 4.14 -11.91
C LEU C 142 0.99 5.15 -10.95
N TYR C 143 0.52 5.19 -9.71
CA TYR C 143 1.03 6.22 -8.83
C TYR C 143 2.51 6.05 -8.48
N GLY C 144 2.96 4.80 -8.43
CA GLY C 144 4.37 4.53 -8.16
C GLY C 144 5.21 4.92 -9.36
N ALA C 145 4.72 4.59 -10.57
CA ALA C 145 5.37 5.02 -11.82
C ALA C 145 5.43 6.55 -11.91
N PHE C 146 4.34 7.23 -11.55
CA PHE C 146 4.36 8.70 -11.56
C PHE C 146 5.40 9.26 -10.59
N LEU C 147 5.48 8.65 -9.41
CA LEU C 147 6.46 9.09 -8.40
C LEU C 147 7.90 8.90 -8.94
N GLU C 148 8.19 7.74 -9.52
CA GLU C 148 9.54 7.51 -10.06
C GLU C 148 9.87 8.47 -11.21
N LYS C 149 8.96 8.56 -12.17
CA LYS C 149 9.14 9.50 -13.29
C LYS C 149 9.39 10.93 -12.77
N ALA C 150 8.59 11.39 -11.82
CA ALA C 150 8.74 12.77 -11.31
C ALA C 150 10.11 12.95 -10.68
N VAL C 151 10.58 11.97 -9.89
CA VAL C 151 11.92 12.10 -9.27
C VAL C 151 13.00 12.19 -10.33
N ARG C 152 12.85 11.37 -11.36
CA ARG C 152 13.79 11.40 -12.47
C ARG C 152 13.80 12.75 -13.22
N LEU C 153 12.67 13.46 -13.21
CA LEU C 153 12.56 14.76 -13.88
C LEU C 153 13.00 15.97 -13.05
N LEU C 154 13.42 15.71 -11.81
CA LEU C 154 13.77 16.76 -10.88
C LEU C 154 15.23 17.16 -11.08
N LYS C 155 15.49 18.46 -11.13
CA LYS C 155 16.85 18.99 -10.95
C LYS C 155 17.41 18.58 -9.59
N PRO C 156 18.76 18.48 -9.47
CA PRO C 156 19.33 18.31 -8.14
C PRO C 156 18.80 19.39 -7.22
N GLY C 157 18.38 19.00 -6.04
CA GLY C 157 17.78 19.93 -5.09
C GLY C 157 16.32 20.23 -5.36
N GLY C 158 15.77 19.69 -6.44
CA GLY C 158 14.38 19.99 -6.83
C GLY C 158 13.41 19.35 -5.86
N VAL C 159 12.16 19.80 -5.89
CA VAL C 159 11.15 19.32 -4.95
C VAL C 159 9.92 18.73 -5.65
N LEU C 160 9.45 17.61 -5.13
CA LEU C 160 8.21 16.99 -5.57
C LEU C 160 7.24 16.98 -4.37
N VAL C 161 5.97 17.37 -4.63
CA VAL C 161 4.91 17.24 -3.63
C VAL C 161 3.70 16.55 -4.28
N PHE C 162 3.42 15.32 -3.88
CA PHE C 162 2.30 14.55 -4.44
C PHE C 162 1.35 14.15 -3.32
N VAL C 163 0.07 14.01 -3.64
CA VAL C 163 -0.85 13.21 -2.81
C VAL C 163 -1.04 11.86 -3.51
N VAL C 164 -0.83 10.79 -2.74
CA VAL C 164 -0.92 9.40 -3.24
C VAL C 164 -1.53 8.50 -2.15
N PRO C 165 -1.94 7.28 -2.52
CA PRO C 165 -2.37 6.35 -1.46
C PRO C 165 -1.24 6.10 -0.46
N ALA C 166 -1.64 5.70 0.77
CA ALA C 166 -0.67 5.33 1.80
C ALA C 166 -0.07 3.93 1.58
N THR C 167 -0.49 3.22 0.53
CA THR C 167 -0.12 1.80 0.46
C THR C 167 1.38 1.56 0.28
N TRP C 168 2.07 2.47 -0.40
CA TRP C 168 3.51 2.30 -0.62
C TRP C 168 4.34 2.36 0.68
N LEU C 169 3.76 2.88 1.77
CA LEU C 169 4.50 2.91 3.04
C LEU C 169 4.82 1.48 3.51
N VAL C 170 3.93 0.54 3.19
CA VAL C 170 4.05 -0.82 3.74
C VAL C 170 4.11 -1.98 2.73
N LEU C 171 3.56 -1.80 1.52
CA LEU C 171 3.46 -2.93 0.57
C LEU C 171 4.72 -3.34 -0.17
N GLU C 172 4.90 -4.67 -0.30
CA GLU C 172 6.01 -5.24 -1.04
C GLU C 172 6.14 -4.73 -2.46
N ASP C 173 5.01 -4.48 -3.15
CA ASP C 173 5.07 -3.95 -4.53
C ASP C 173 5.85 -2.64 -4.60
N PHE C 174 5.95 -1.95 -3.47
CA PHE C 174 6.59 -0.63 -3.44
C PHE C 174 7.97 -0.64 -2.75
N ALA C 175 8.49 -1.83 -2.51
CA ALA C 175 9.81 -1.96 -1.87
C ALA C 175 10.93 -1.24 -2.65
N LEU C 176 10.96 -1.43 -3.97
CA LEU C 176 11.97 -0.78 -4.82
C LEU C 176 11.77 0.72 -4.92
N LEU C 177 10.51 1.15 -4.92
CA LEU C 177 10.18 2.58 -4.82
C LEU C 177 10.69 3.24 -3.53
N ARG C 178 10.47 2.60 -2.39
CA ARG C 178 10.92 3.16 -1.10
C ARG C 178 12.46 3.26 -1.11
N GLU C 179 13.11 2.21 -1.61
CA GLU C 179 14.59 2.15 -1.63
C GLU C 179 15.14 3.20 -2.57
N PHE C 180 14.42 3.40 -3.68
CA PHE C 180 14.75 4.41 -4.68
C PHE C 180 14.66 5.80 -4.06
N LEU C 181 13.54 6.12 -3.39
CA LEU C 181 13.37 7.41 -2.75
C LEU C 181 14.43 7.65 -1.68
N ALA C 182 14.72 6.60 -0.89
CA ALA C 182 15.73 6.71 0.18
C ALA C 182 17.11 7.08 -0.36
N ARG C 183 17.49 6.52 -1.50
CA ARG C 183 18.81 6.80 -2.05
C ARG C 183 18.87 8.06 -2.93
N GLU C 184 17.72 8.53 -3.44
CA GLU C 184 17.66 9.70 -4.34
C GLU C 184 17.55 11.06 -3.64
N GLY C 185 17.11 11.06 -2.38
CA GLY C 185 17.00 12.31 -1.64
C GLY C 185 16.42 12.19 -0.25
N LYS C 186 15.76 13.25 0.21
CA LYS C 186 15.10 13.22 1.52
C LYS C 186 13.59 13.26 1.36
N THR C 187 12.91 12.51 2.22
CA THR C 187 11.48 12.28 2.07
C THR C 187 10.78 12.70 3.34
N SER C 188 9.68 13.43 3.17
CA SER C 188 8.74 13.66 4.23
C SER C 188 7.41 13.08 3.80
N VAL C 189 6.83 12.33 4.72
CA VAL C 189 5.51 11.73 4.54
C VAL C 189 4.51 12.35 5.54
N TYR C 190 3.38 12.83 5.04
CA TYR C 190 2.37 13.46 5.88
C TYR C 190 1.11 12.64 5.74
N TYR C 191 0.69 11.99 6.83
CA TYR C 191 -0.50 11.15 6.75
C TYR C 191 -1.79 12.01 6.72
N LEU C 192 -2.67 11.75 5.74
CA LEU C 192 -3.99 12.41 5.71
C LEU C 192 -5.11 11.45 6.03
N GLY C 193 -5.02 10.23 5.52
CA GLY C 193 -6.07 9.26 5.70
C GLY C 193 -7.12 9.46 4.62
N GLU C 194 -8.34 9.10 4.96
CA GLU C 194 -9.45 9.03 4.00
C GLU C 194 -10.06 10.41 3.73
N VAL C 195 -9.42 11.17 2.85
CA VAL C 195 -9.77 12.58 2.62
C VAL C 195 -10.52 12.87 1.33
N PHE C 196 -10.73 11.84 0.50
CA PHE C 196 -11.43 12.02 -0.76
C PHE C 196 -12.86 11.48 -0.57
N PRO C 197 -13.86 12.38 -0.55
CA PRO C 197 -15.25 11.93 -0.26
C PRO C 197 -15.69 10.79 -1.19
N GLN C 198 -16.31 9.77 -0.61
CA GLN C 198 -16.78 8.61 -1.37
C GLN C 198 -15.68 7.87 -2.16
N LYS C 199 -14.44 7.98 -1.69
CA LYS C 199 -13.36 7.03 -2.06
C LYS C 199 -12.81 6.45 -0.77
N LYS C 200 -12.50 5.16 -0.77
CA LYS C 200 -11.99 4.52 0.45
C LYS C 200 -10.49 4.73 0.66
N VAL C 201 -9.81 5.24 -0.36
CA VAL C 201 -8.36 5.34 -0.33
C VAL C 201 -7.88 6.15 0.89
N SER C 202 -6.90 5.60 1.60
CA SER C 202 -6.23 6.33 2.66
C SER C 202 -4.98 6.99 2.06
N ALA C 203 -4.88 8.31 2.19
CA ALA C 203 -3.86 9.09 1.49
C ALA C 203 -2.73 9.66 2.35
N VAL C 204 -1.57 9.88 1.72
CA VAL C 204 -0.48 10.62 2.33
C VAL C 204 -0.08 11.72 1.34
N VAL C 205 0.55 12.77 1.87
CA VAL C 205 1.33 13.66 1.01
C VAL C 205 2.78 13.24 1.14
N ILE C 206 3.45 13.14 -0.01
CA ILE C 206 4.91 12.99 -0.02
C ILE C 206 5.51 14.33 -0.48
N ARG C 207 6.46 14.84 0.32
CA ARG C 207 7.37 15.91 -0.12
C ARG C 207 8.77 15.33 -0.20
N PHE C 208 9.28 15.21 -1.41
CA PHE C 208 10.59 14.65 -1.64
C PHE C 208 11.47 15.77 -2.21
N GLN C 209 12.68 15.90 -1.68
CA GLN C 209 13.67 16.81 -2.26
C GLN C 209 14.88 16.02 -2.73
N LYS C 210 15.37 16.32 -3.94
CA LYS C 210 16.43 15.55 -4.58
C LYS C 210 17.83 15.92 -4.09
N SER C 211 17.97 15.86 -2.77
CA SER C 211 19.22 16.15 -2.06
C SER C 211 19.10 15.67 -0.63
N GLY C 212 20.25 15.45 0.01
CA GLY C 212 20.25 14.96 1.38
C GLY C 212 19.73 13.54 1.43
N LYS C 213 19.26 13.15 2.61
CA LYS C 213 18.82 11.78 2.85
C LYS C 213 17.88 11.79 4.03
N GLY C 214 17.28 10.64 4.28
CA GLY C 214 16.46 10.45 5.47
C GLY C 214 14.96 10.57 5.22
N LEU C 215 14.21 10.20 6.26
CA LEU C 215 12.76 10.20 6.23
C LEU C 215 12.24 10.91 7.47
N SER C 216 11.28 11.78 7.25
CA SER C 216 10.53 12.36 8.37
C SER C 216 9.09 11.93 8.18
N LEU C 217 8.49 11.42 9.25
CA LEU C 217 7.07 11.02 9.27
C LEU C 217 6.25 11.99 10.08
N TRP C 218 5.20 12.50 9.44
CA TRP C 218 4.33 13.49 10.02
C TRP C 218 2.88 13.01 10.08
N ASP C 219 2.21 13.33 11.18
CA ASP C 219 0.76 13.22 11.23
C ASP C 219 0.22 14.59 10.79
N THR C 220 -1.09 14.70 10.65
CA THR C 220 -1.75 15.98 10.37
C THR C 220 -2.99 16.13 11.24
N GLN C 221 -3.39 17.37 11.42
CA GLN C 221 -4.70 17.70 11.92
C GLN C 221 -5.33 18.67 10.93
N GLU C 222 -6.61 18.47 10.67
CA GLU C 222 -7.40 19.46 9.94
C GLU C 222 -7.28 20.82 10.61
N SER C 223 -7.17 21.87 9.80
CA SER C 223 -7.06 23.23 10.32
C SER C 223 -7.62 24.20 9.27
N GLU C 224 -7.75 25.48 9.67
CA GLU C 224 -8.38 26.49 8.80
C GLU C 224 -7.67 26.58 7.44
N SER C 225 -6.35 26.66 7.49
CA SER C 225 -5.50 26.72 6.31
C SER C 225 -5.39 25.39 5.53
N GLY C 226 -6.05 24.34 6.05
CA GLY C 226 -6.09 23.05 5.37
C GLY C 226 -5.77 21.95 6.33
N PHE C 227 -4.47 21.73 6.52
CA PHE C 227 -3.97 20.71 7.45
C PHE C 227 -2.75 21.29 8.14
N THR C 228 -2.56 20.89 9.38
CA THR C 228 -1.39 21.30 10.14
C THR C 228 -0.54 20.07 10.35
N PRO C 229 0.73 20.10 9.88
CA PRO C 229 1.56 18.94 10.12
C PRO C 229 2.06 18.86 11.57
N ILE C 230 2.20 17.62 12.06
CA ILE C 230 2.68 17.33 13.41
C ILE C 230 3.78 16.29 13.26
N LEU C 231 5.00 16.68 13.61
CA LEU C 231 6.10 15.77 13.40
C LEU C 231 5.94 14.54 14.31
N TRP C 232 5.99 13.35 13.72
CA TRP C 232 5.79 12.12 14.50
C TRP C 232 7.13 11.46 14.87
N ALA C 233 7.99 11.26 13.89
CA ALA C 233 9.28 10.60 14.07
C ALA C 233 10.22 10.88 12.91
N GLU C 234 11.52 10.81 13.17
CA GLU C 234 12.56 11.03 12.16
C GLU C 234 13.41 9.79 12.01
N TYR C 235 13.72 9.43 10.76
CA TYR C 235 14.57 8.30 10.43
C TYR C 235 15.70 8.77 9.49
N PRO C 236 16.76 9.38 10.07
CA PRO C 236 17.83 10.02 9.30
C PRO C 236 18.58 9.07 8.39
N HIS C 237 18.51 7.78 8.70
CA HIS C 237 19.24 6.79 7.93
C HIS C 237 18.35 5.80 7.18
N TRP C 238 17.11 6.20 6.96
CA TRP C 238 16.16 5.43 6.14
C TRP C 238 16.79 4.87 4.87
N GLU C 239 16.61 3.56 4.64
CA GLU C 239 17.10 2.95 3.42
C GLU C 239 15.96 2.34 2.61
N GLY C 240 14.73 2.70 2.94
CA GLY C 240 13.57 2.16 2.21
C GLY C 240 12.76 1.11 2.96
N GLU C 241 13.05 0.95 4.25
CA GLU C 241 12.28 0.05 5.13
C GLU C 241 10.81 0.50 5.17
N ILE C 242 9.92 -0.43 5.48
CA ILE C 242 8.50 -0.10 5.65
C ILE C 242 8.37 1.06 6.65
N ILE C 243 7.44 1.97 6.34
CA ILE C 243 7.18 3.15 7.16
C ILE C 243 5.96 2.90 8.03
N ARG C 244 6.13 3.11 9.32
CA ARG C 244 5.06 2.87 10.30
C ARG C 244 4.99 4.00 11.32
N PHE C 245 3.84 4.14 11.96
CA PHE C 245 3.68 5.06 13.11
C PHE C 245 4.02 4.33 14.40
N GLU C 246 5.31 4.38 14.75
CA GLU C 246 5.77 3.74 15.96
C GLU C 246 5.48 4.63 17.15
N THR C 247 5.27 3.99 18.30
CA THR C 247 5.19 4.70 19.57
C THR C 247 6.12 4.04 20.58
N GLU C 248 6.24 4.68 21.75
CA GLU C 248 7.00 4.05 22.83
C GLU C 248 6.48 2.63 23.07
N GLU C 249 5.16 2.51 23.09
CA GLU C 249 4.51 1.24 23.38
C GLU C 249 4.73 0.16 22.30
N THR C 250 4.61 0.52 21.03
CA THR C 250 4.82 -0.47 19.97
C THR C 250 6.28 -0.93 19.98
N ARG C 251 7.23 0.03 20.09
CA ARG C 251 8.66 -0.29 20.10
C ARG C 251 9.06 -1.21 21.28
N LYS C 252 8.58 -0.85 22.46
CA LYS C 252 8.81 -1.66 23.66
C LYS C 252 8.27 -3.09 23.49
N LEU C 253 7.05 -3.21 22.95
CA LEU C 253 6.42 -4.53 22.79
C LEU C 253 7.23 -5.41 21.87
N GLU C 254 7.70 -4.83 20.75
CA GLU C 254 8.56 -5.53 19.80
C GLU C 254 9.87 -5.97 20.44
N ILE C 255 10.46 -5.08 21.24
CA ILE C 255 11.69 -5.42 21.97
C ILE C 255 11.43 -6.49 23.05
N SER C 256 10.30 -6.39 23.73
CA SER C 256 9.91 -7.36 24.76
C SER C 256 9.81 -8.79 24.24
N GLY C 257 9.26 -8.95 23.04
CA GLY C 257 9.07 -10.27 22.48
C GLY C 257 10.05 -10.68 21.40
N MET C 258 9.59 -11.51 20.49
CA MET C 258 10.33 -11.92 19.31
C MET C 258 9.35 -11.94 18.14
N PRO C 259 9.86 -11.90 16.90
CA PRO C 259 8.94 -11.90 15.75
C PRO C 259 8.22 -13.25 15.57
N LEU C 260 6.92 -13.17 15.36
CA LEU C 260 6.11 -14.36 15.07
C LEU C 260 6.69 -15.14 13.89
N GLY C 261 7.19 -14.43 12.88
CA GLY C 261 7.81 -15.02 11.67
C GLY C 261 9.03 -15.90 11.93
N ASP C 262 9.69 -15.69 13.07
CA ASP C 262 10.83 -16.54 13.45
C ASP C 262 10.39 -17.91 14.00
N LEU C 263 9.09 -18.08 14.26
CA LEU C 263 8.57 -19.33 14.82
C LEU C 263 7.73 -20.12 13.80
N PHE C 264 7.20 -19.40 12.81
CA PHE C 264 6.28 -20.00 11.82
C PHE C 264 6.70 -19.71 10.39
N HIS C 265 6.65 -20.75 9.56
CA HIS C 265 6.52 -20.59 8.11
C HIS C 265 5.15 -20.01 7.85
N ILE C 266 5.07 -18.90 7.11
CA ILE C 266 3.77 -18.34 6.78
C ILE C 266 3.49 -18.59 5.29
N ARG C 267 2.38 -19.28 5.02
CA ARG C 267 1.99 -19.59 3.66
C ARG C 267 0.64 -18.95 3.40
N PHE C 268 0.27 -18.78 2.15
CA PHE C 268 -1.08 -18.30 1.89
C PHE C 268 -1.94 -19.42 1.33
N ALA C 269 -3.27 -19.31 1.46
CA ALA C 269 -4.17 -20.30 0.85
C ALA C 269 -3.95 -20.44 -0.66
N ALA C 270 -4.19 -21.65 -1.18
CA ALA C 270 -4.40 -21.82 -2.62
C ALA C 270 -5.49 -20.84 -3.09
N ARG C 271 -5.36 -20.37 -4.33
CA ARG C 271 -6.25 -19.31 -4.85
C ARG C 271 -7.48 -19.91 -5.53
N SER C 272 -8.52 -19.10 -5.69
CA SER C 272 -9.80 -19.56 -6.28
C SER C 272 -9.65 -20.38 -7.59
N PRO C 273 -8.79 -19.96 -8.56
CA PRO C 273 -8.67 -20.75 -9.79
C PRO C 273 -8.08 -22.15 -9.58
N GLU C 274 -7.27 -22.30 -8.53
CA GLU C 274 -6.65 -23.59 -8.22
C GLU C 274 -7.75 -24.56 -7.81
N PHE C 275 -8.68 -24.08 -6.99
CA PHE C 275 -9.84 -24.91 -6.63
C PHE C 275 -10.74 -25.20 -7.84
N LYS C 276 -11.00 -24.16 -8.63
CA LYS C 276 -11.87 -24.30 -9.78
C LYS C 276 -11.39 -25.37 -10.76
N LYS C 277 -10.09 -25.56 -10.88
CA LYS C 277 -9.59 -26.56 -11.83
C LYS C 277 -9.39 -27.93 -11.20
N HIS C 278 -9.66 -28.05 -9.88
CA HIS C 278 -9.43 -29.34 -9.19
C HIS C 278 -10.58 -30.29 -9.49
N PRO C 279 -10.27 -31.55 -9.86
CA PRO C 279 -11.33 -32.49 -10.28
C PRO C 279 -12.37 -32.86 -9.23
N ALA C 280 -12.06 -32.67 -7.95
CA ALA C 280 -12.99 -33.03 -6.85
C ALA C 280 -13.83 -31.85 -6.38
N VAL C 281 -13.50 -30.66 -6.84
CA VAL C 281 -14.24 -29.47 -6.42
C VAL C 281 -15.57 -29.38 -7.16
N ARG C 282 -16.61 -28.99 -6.42
CA ARG C 282 -17.99 -28.87 -6.93
C ARG C 282 -18.58 -27.52 -6.57
N LYS C 283 -19.67 -27.17 -7.26
CA LYS C 283 -20.32 -25.87 -7.07
C LYS C 283 -21.63 -26.02 -6.28
N GLU C 284 -21.83 -27.22 -5.74
CA GLU C 284 -23.04 -27.58 -5.00
C GLU C 284 -22.60 -28.44 -3.83
N PRO C 285 -23.30 -28.36 -2.69
CA PRO C 285 -22.99 -29.26 -1.59
C PRO C 285 -23.39 -30.68 -1.98
N GLY C 286 -22.93 -31.65 -1.22
CA GLY C 286 -23.23 -33.04 -1.53
C GLY C 286 -22.58 -33.99 -0.57
N PRO C 287 -22.94 -35.29 -0.67
CA PRO C 287 -22.42 -36.25 0.29
C PRO C 287 -20.90 -36.30 0.31
N GLY C 288 -20.34 -36.20 1.50
CA GLY C 288 -18.91 -36.26 1.71
C GLY C 288 -18.17 -34.99 1.33
N LEU C 289 -18.89 -33.90 1.07
CA LEU C 289 -18.19 -32.65 0.70
C LEU C 289 -18.36 -31.65 1.82
N VAL C 290 -17.34 -30.82 2.01
CA VAL C 290 -17.37 -29.70 2.95
C VAL C 290 -17.16 -28.40 2.17
N PRO C 291 -17.61 -27.26 2.73
CA PRO C 291 -17.36 -25.96 2.08
C PRO C 291 -15.87 -25.61 2.02
N VAL C 292 -15.46 -25.01 0.90
CA VAL C 292 -14.12 -24.40 0.82
C VAL C 292 -14.23 -23.04 1.55
N LEU C 293 -13.45 -22.90 2.60
CA LEU C 293 -13.65 -21.76 3.51
C LEU C 293 -13.01 -20.49 2.97
N THR C 294 -13.57 -19.35 3.34
CA THR C 294 -12.95 -18.07 3.00
C THR C 294 -12.73 -17.30 4.31
N GLY C 295 -12.27 -16.06 4.17
CA GLY C 295 -12.13 -15.16 5.32
C GLY C 295 -13.41 -14.99 6.13
N ARG C 296 -14.58 -15.11 5.48
CA ARG C 296 -15.88 -14.97 6.19
C ARG C 296 -16.17 -16.14 7.11
N ASN C 297 -15.39 -17.23 6.96
CA ASN C 297 -15.47 -18.37 7.89
C ASN C 297 -14.56 -18.25 9.12
N LEU C 298 -13.62 -17.29 9.08
CA LEU C 298 -12.66 -17.15 10.16
C LEU C 298 -13.15 -16.08 11.14
N LYS C 299 -13.21 -16.44 12.43
CA LYS C 299 -13.63 -15.53 13.50
C LYS C 299 -12.52 -15.51 14.54
N PRO C 300 -12.56 -14.55 15.50
CA PRO C 300 -11.52 -14.58 16.53
C PRO C 300 -11.69 -15.79 17.43
N GLY C 301 -10.74 -16.73 17.32
CA GLY C 301 -10.71 -17.93 18.15
C GLY C 301 -11.62 -19.06 17.72
N TRP C 302 -12.31 -18.93 16.58
CA TRP C 302 -13.13 -20.04 16.06
C TRP C 302 -13.38 -19.95 14.58
N VAL C 303 -13.84 -21.07 14.03
CA VAL C 303 -14.09 -21.19 12.59
C VAL C 303 -15.53 -21.64 12.41
N ASP C 304 -16.24 -20.94 11.53
CA ASP C 304 -17.57 -21.35 11.12
C ASP C 304 -17.40 -22.38 9.99
N TYR C 305 -17.65 -23.65 10.30
CA TYR C 305 -17.54 -24.70 9.27
C TYR C 305 -18.79 -24.91 8.44
N GLU C 306 -19.88 -24.24 8.81
CA GLU C 306 -21.19 -24.54 8.24
C GLU C 306 -21.46 -23.71 6.99
N LYS C 307 -21.30 -22.39 7.11
CA LYS C 307 -21.70 -21.48 6.05
C LYS C 307 -20.71 -21.44 4.87
N ASN C 308 -21.25 -21.62 3.67
CA ASN C 308 -20.45 -21.51 2.46
C ASN C 308 -20.50 -20.10 1.88
N HIS C 309 -19.32 -19.51 1.73
CA HIS C 309 -19.16 -18.19 1.13
C HIS C 309 -18.39 -18.22 -0.19
N SER C 310 -17.81 -19.36 -0.53
CA SER C 310 -16.94 -19.47 -1.71
C SER C 310 -17.67 -19.93 -2.97
N GLY C 311 -18.84 -20.56 -2.80
CA GLY C 311 -19.54 -21.23 -3.89
C GLY C 311 -18.93 -22.57 -4.25
N LEU C 312 -17.96 -23.02 -3.45
CA LEU C 312 -17.16 -24.23 -3.76
C LEU C 312 -17.17 -25.23 -2.61
N TRP C 313 -17.17 -26.53 -2.98
CA TRP C 313 -17.19 -27.62 -2.00
C TRP C 313 -16.27 -28.69 -2.51
N MET C 314 -15.67 -29.44 -1.59
CA MET C 314 -14.81 -30.56 -1.98
C MET C 314 -14.71 -31.57 -0.84
N PRO C 315 -14.26 -32.80 -1.15
CA PRO C 315 -13.97 -33.76 -0.07
C PRO C 315 -12.84 -33.22 0.80
N LYS C 316 -13.08 -33.16 2.11
CA LYS C 316 -12.07 -32.58 3.01
C LYS C 316 -10.71 -33.27 2.84
N GLU C 317 -10.72 -34.59 2.72
CA GLU C 317 -9.48 -35.36 2.65
C GLU C 317 -8.63 -35.04 1.44
N ARG C 318 -9.22 -34.41 0.41
CA ARG C 318 -8.45 -34.13 -0.79
C ARG C 318 -7.85 -32.72 -0.83
N ALA C 319 -8.10 -31.94 0.22
CA ALA C 319 -7.61 -30.57 0.31
C ALA C 319 -6.08 -30.51 0.25
N LYS C 320 -5.44 -31.55 0.81
CA LYS C 320 -3.98 -31.64 0.85
C LYS C 320 -3.34 -31.68 -0.53
N GLU C 321 -4.13 -32.05 -1.54
CA GLU C 321 -3.66 -32.02 -2.92
C GLU C 321 -3.37 -30.59 -3.41
N LEU C 322 -4.10 -29.62 -2.88
CA LEU C 322 -3.87 -28.21 -3.24
C LEU C 322 -2.66 -27.61 -2.48
N ARG C 323 -2.65 -27.83 -1.16
CA ARG C 323 -1.54 -27.46 -0.31
C ARG C 323 -1.38 -28.58 0.70
N ASP C 324 -0.18 -29.11 0.82
CA ASP C 324 0.04 -30.20 1.76
C ASP C 324 -0.35 -29.85 3.20
N PHE C 325 -0.20 -28.58 3.59
CA PHE C 325 -0.49 -28.16 4.96
C PHE C 325 -1.98 -28.20 5.33
N TYR C 326 -2.86 -28.33 4.34
CA TYR C 326 -4.28 -28.50 4.63
C TYR C 326 -4.58 -29.86 5.32
N ALA C 327 -3.62 -30.77 5.29
CA ALA C 327 -3.82 -32.12 5.85
C ALA C 327 -4.00 -32.14 7.35
N THR C 328 -3.40 -31.16 8.05
CA THR C 328 -3.38 -31.19 9.52
C THR C 328 -3.79 -29.88 10.15
N PRO C 329 -4.33 -29.95 11.39
CA PRO C 329 -4.75 -28.74 12.09
C PRO C 329 -3.61 -27.74 12.21
N HIS C 330 -3.93 -26.47 12.03
CA HIS C 330 -2.89 -25.45 12.10
C HIS C 330 -3.57 -24.09 12.34
N LEU C 331 -2.74 -23.11 12.67
CA LEU C 331 -3.16 -21.75 12.93
C LEU C 331 -3.48 -21.04 11.61
N VAL C 332 -4.60 -20.31 11.61
CA VAL C 332 -5.04 -19.52 10.45
C VAL C 332 -5.18 -18.07 10.90
N VAL C 333 -4.61 -17.14 10.14
CA VAL C 333 -4.70 -15.72 10.50
C VAL C 333 -5.30 -14.93 9.34
N ALA C 334 -6.19 -13.99 9.67
CA ALA C 334 -6.96 -13.26 8.66
C ALA C 334 -6.14 -12.26 7.85
N HIS C 335 -6.49 -12.12 6.58
CA HIS C 335 -5.83 -11.17 5.67
C HIS C 335 -6.72 -9.95 5.36
N THR C 336 -8.03 -10.12 5.36
CA THR C 336 -8.93 -9.06 4.86
C THR C 336 -10.04 -8.73 5.86
N LYS C 337 -9.61 -8.36 7.05
CA LYS C 337 -10.48 -7.85 8.08
C LYS C 337 -9.98 -6.47 8.51
N GLY C 338 -9.25 -5.79 7.63
CA GLY C 338 -8.62 -4.51 7.97
C GLY C 338 -7.40 -4.65 8.87
N THR C 339 -7.10 -3.59 9.61
CA THR C 339 -5.91 -3.53 10.51
C THR C 339 -6.26 -4.16 11.82
N ARG C 340 -6.24 -5.50 11.81
CA ARG C 340 -6.72 -6.34 12.91
C ARG C 340 -5.94 -7.61 12.86
N VAL C 341 -5.84 -8.27 14.02
CA VAL C 341 -5.23 -9.59 14.03
C VAL C 341 -6.34 -10.54 14.51
N VAL C 342 -6.81 -11.38 13.58
CA VAL C 342 -7.90 -12.32 13.86
C VAL C 342 -7.35 -13.72 13.57
N ALA C 343 -7.35 -14.57 14.59
CA ALA C 343 -6.66 -15.86 14.50
C ALA C 343 -7.54 -16.98 15.03
N ALA C 344 -7.39 -18.17 14.45
CA ALA C 344 -8.07 -19.36 14.98
C ALA C 344 -7.27 -20.61 14.66
N TRP C 345 -7.46 -21.62 15.49
CA TRP C 345 -6.86 -22.90 15.23
C TRP C 345 -7.91 -23.72 14.49
N ASP C 346 -7.58 -24.12 13.26
CA ASP C 346 -8.51 -24.93 12.47
C ASP C 346 -8.32 -26.39 12.88
N GLU C 347 -9.15 -26.85 13.81
CA GLU C 347 -8.97 -28.16 14.40
C GLU C 347 -9.41 -29.25 13.41
N ARG C 348 -10.29 -28.90 12.48
CA ARG C 348 -10.80 -29.85 11.49
C ARG C 348 -9.94 -30.00 10.22
N ALA C 349 -8.99 -29.08 9.99
CA ALA C 349 -8.15 -29.10 8.79
C ALA C 349 -9.00 -29.10 7.50
N TYR C 350 -9.72 -28.00 7.30
CA TYR C 350 -10.58 -27.83 6.12
C TYR C 350 -9.81 -27.25 4.92
N PRO C 351 -10.39 -27.37 3.71
CA PRO C 351 -9.81 -26.59 2.61
C PRO C 351 -10.09 -25.09 2.81
N TRP C 352 -9.08 -24.25 2.56
CA TRP C 352 -9.30 -22.79 2.61
C TRP C 352 -8.92 -22.13 1.31
N ARG C 353 -9.72 -21.14 0.89
CA ARG C 353 -9.44 -20.38 -0.34
C ARG C 353 -8.77 -19.03 -0.04
N GLU C 354 -8.65 -18.70 1.25
CA GLU C 354 -8.12 -17.41 1.70
C GLU C 354 -7.37 -17.57 3.03
N GLU C 355 -6.63 -16.53 3.39
CA GLU C 355 -6.04 -16.34 4.73
C GLU C 355 -4.61 -16.89 4.81
N PHE C 356 -3.91 -16.51 5.88
CA PHE C 356 -2.54 -17.01 6.13
C PHE C 356 -2.60 -18.31 6.90
N HIS C 357 -1.70 -19.22 6.56
CA HIS C 357 -1.64 -20.52 7.20
C HIS C 357 -0.23 -20.65 7.77
N LEU C 358 -0.15 -20.76 9.09
CA LEU C 358 1.11 -20.71 9.82
C LEU C 358 1.51 -22.11 10.28
N LEU C 359 2.71 -22.49 9.91
CA LEU C 359 3.21 -23.84 10.14
C LEU C 359 4.45 -23.73 10.99
N PRO C 360 4.45 -24.40 12.17
CA PRO C 360 5.57 -24.19 13.12
C PRO C 360 6.92 -24.63 12.51
N LYS C 361 7.96 -23.84 12.72
CA LYS C 361 9.29 -24.16 12.18
C LYS C 361 9.86 -25.34 12.97
N GLU C 362 10.95 -25.90 12.46
CA GLU C 362 11.66 -27.00 13.13
C GLU C 362 11.93 -26.71 14.60
N GLY C 363 11.42 -27.57 15.48
CA GLY C 363 11.79 -27.50 16.90
C GLY C 363 10.97 -26.52 17.71
N VAL C 364 9.97 -25.91 17.08
CA VAL C 364 9.05 -25.01 17.78
C VAL C 364 7.97 -25.86 18.45
N ARG C 365 7.76 -25.62 19.74
CA ARG C 365 6.74 -26.33 20.50
C ARG C 365 5.72 -25.33 20.96
N LEU C 366 4.54 -25.41 20.37
CA LEU C 366 3.55 -24.35 20.50
C LEU C 366 2.37 -24.79 21.35
N ASP C 367 1.90 -23.90 22.22
CA ASP C 367 0.53 -24.04 22.70
C ASP C 367 -0.42 -23.17 21.87
N PRO C 368 -1.18 -23.80 20.93
CA PRO C 368 -2.08 -23.06 20.05
C PRO C 368 -3.09 -22.16 20.76
N SER C 369 -3.80 -22.67 21.75
CA SER C 369 -4.86 -21.88 22.36
C SER C 369 -4.32 -20.61 23.02
N SER C 370 -3.18 -20.74 23.69
CA SER C 370 -2.53 -19.59 24.30
C SER C 370 -2.11 -18.55 23.25
N LEU C 371 -1.56 -19.03 22.14
CA LEU C 371 -1.14 -18.13 21.05
C LEU C 371 -2.34 -17.45 20.38
N VAL C 372 -3.39 -18.21 20.13
CA VAL C 372 -4.61 -17.68 19.56
C VAL C 372 -5.17 -16.57 20.44
N GLN C 373 -5.19 -16.83 21.75
CA GLN C 373 -5.67 -15.83 22.70
C GLN C 373 -4.85 -14.55 22.65
N TRP C 374 -3.52 -14.68 22.57
CA TRP C 374 -2.65 -13.52 22.49
C TRP C 374 -2.88 -12.75 21.16
N LEU C 375 -2.91 -13.46 20.04
CA LEU C 375 -3.08 -12.80 18.75
C LEU C 375 -4.39 -12.02 18.65
N ASN C 376 -5.43 -12.56 19.29
CA ASN C 376 -6.76 -11.96 19.29
C ASN C 376 -6.98 -10.89 20.37
N SER C 377 -5.97 -10.67 21.20
CA SER C 377 -6.11 -9.76 22.36
C SER C 377 -6.30 -8.31 21.95
N GLU C 378 -6.88 -7.52 22.86
CA GLU C 378 -7.00 -6.08 22.60
C GLU C 378 -5.64 -5.41 22.42
N ALA C 379 -4.65 -5.82 23.21
CA ALA C 379 -3.31 -5.26 23.15
C ALA C 379 -2.76 -5.43 21.73
N MET C 380 -2.93 -6.62 21.17
CA MET C 380 -2.48 -6.87 19.78
C MET C 380 -3.22 -6.01 18.74
N GLN C 381 -4.53 -5.79 18.93
CA GLN C 381 -5.30 -4.99 18.00
C GLN C 381 -4.80 -3.54 18.06
N LYS C 382 -4.60 -3.05 19.28
CA LYS C 382 -4.10 -1.70 19.48
C LYS C 382 -2.72 -1.53 18.84
N HIS C 383 -1.87 -2.54 19.03
CA HIS C 383 -0.55 -2.57 18.41
C HIS C 383 -0.56 -2.34 16.89
N VAL C 384 -1.33 -3.15 16.16
CA VAL C 384 -1.34 -3.04 14.71
C VAL C 384 -2.03 -1.77 14.21
N ARG C 385 -3.11 -1.36 14.90
CA ARG C 385 -3.81 -0.12 14.54
C ARG C 385 -2.87 1.08 14.66
N THR C 386 -2.09 1.10 15.74
CA THR C 386 -1.10 2.14 15.95
C THR C 386 -0.05 2.22 14.82
N LEU C 387 0.56 1.09 14.51
CA LEU C 387 1.66 1.01 13.56
C LEU C 387 1.18 1.33 12.12
N TYR C 388 0.01 0.82 11.78
CA TYR C 388 -0.38 0.72 10.38
C TYR C 388 -1.65 1.47 10.01
N ARG C 389 -2.31 2.00 11.02
CA ARG C 389 -3.53 2.80 10.85
C ARG C 389 -4.46 2.14 9.84
N ASP C 390 -4.79 2.86 8.77
CA ASP C 390 -5.66 2.32 7.71
C ASP C 390 -5.03 2.40 6.33
N PHE C 391 -3.68 2.30 6.24
CA PHE C 391 -2.96 2.46 4.98
C PHE C 391 -3.50 1.48 3.95
N VAL C 392 -3.68 0.24 4.39
CA VAL C 392 -4.20 -0.83 3.49
C VAL C 392 -5.33 -1.60 4.20
N PRO C 393 -6.23 -2.24 3.42
CA PRO C 393 -7.40 -2.92 4.00
C PRO C 393 -7.09 -4.33 4.51
N HIS C 394 -5.83 -4.58 4.83
CA HIS C 394 -5.40 -5.93 5.17
C HIS C 394 -4.44 -5.95 6.34
N LEU C 395 -4.29 -7.13 6.94
CA LEU C 395 -3.06 -7.47 7.64
C LEU C 395 -2.21 -8.18 6.60
N THR C 396 -1.03 -7.62 6.31
CA THR C 396 -0.16 -8.20 5.32
C THR C 396 0.86 -9.13 5.96
N LEU C 397 1.51 -9.92 5.12
CA LEU C 397 2.58 -10.79 5.57
C LEU C 397 3.64 -10.01 6.33
N ARG C 398 4.07 -8.86 5.80
CA ARG C 398 5.12 -8.06 6.44
C ARG C 398 4.73 -7.61 7.85
N MET C 399 3.43 -7.35 8.05
CA MET C 399 2.92 -6.97 9.36
C MET C 399 2.86 -8.17 10.28
N LEU C 400 2.31 -9.26 9.74
CA LEU C 400 2.11 -10.49 10.50
C LEU C 400 3.44 -11.12 11.00
N GLU C 401 4.45 -11.18 10.14
CA GLU C 401 5.71 -11.79 10.55
C GLU C 401 6.41 -11.04 11.71
N ARG C 402 6.11 -9.76 11.85
CA ARG C 402 6.69 -8.91 12.90
C ARG C 402 5.88 -8.86 14.20
N LEU C 403 4.71 -9.49 14.23
CA LEU C 403 3.91 -9.46 15.47
C LEU C 403 4.75 -10.01 16.66
N PRO C 404 4.79 -9.26 17.77
CA PRO C 404 5.62 -9.78 18.89
C PRO C 404 4.95 -10.91 19.67
N VAL C 405 5.70 -11.98 19.89
CA VAL C 405 5.21 -13.11 20.70
C VAL C 405 6.29 -13.41 21.74
N ARG C 406 5.97 -14.27 22.71
CA ARG C 406 6.96 -14.63 23.72
C ARG C 406 8.30 -15.04 23.09
N ARG C 407 9.43 -14.60 23.67
CA ARG C 407 10.72 -15.11 23.22
C ARG C 407 10.78 -16.61 23.57
N GLU C 408 11.23 -17.41 22.61
CA GLU C 408 11.37 -18.87 22.76
C GLU C 408 12.83 -19.28 22.79
N TYR C 409 13.16 -20.21 23.66
CA TYR C 409 14.53 -20.63 23.87
C TYR C 409 15.14 -21.19 22.59
N GLY C 410 16.36 -20.74 22.27
CA GLY C 410 17.15 -21.21 21.12
C GLY C 410 16.35 -21.33 19.83
#